data_5KVF
#
_entry.id   5KVF
#
_cell.length_a   59.680
_cell.length_b   92.160
_cell.length_c   96.250
_cell.angle_alpha   90.000
_cell.angle_beta   90.000
_cell.angle_gamma   90.000
#
_symmetry.space_group_name_H-M   'P 21 21 21'
#
loop_
_entity.id
_entity.type
_entity.pdbx_description
1 polymer 'Zika envelope DIII'
2 polymer 'ZV-64 Antibody Fab Light Chain'
3 polymer 'ZV-64 Antibody Fab Heavy Chain'
4 non-polymer GLYCEROL
5 water water
#
loop_
_entity_poly.entity_id
_entity_poly.type
_entity_poly.pdbx_seq_one_letter_code
_entity_poly.pdbx_strand_id
1 'polypeptide(L)'
;MRLKGVSYSLCTAAFTFTKIPAETLHGTVTVEVQYAGTDGPCKVPAQMAVDMQTLTPVGRLITANPVITESTENSKMMLE
LDPPFGDSYIVIGVGEKKITHHWHRSGSTI
;
E
2 'polypeptide(L)'
;DIVMSQSPSSLAVSVGEKVTMSCKSSQSLLYSSNQKNYLAWYQQKPGQSPKLLIYWASTRESGVPDRFTGSGSGTDFTLT
ISSVKAEDLAVYYCQQYYTYPYTFGGGTKLEINRADAAPTVSIFPPSSEQLTSGGASVVCFLNNFYPKDINVKWKIDGSE
RQNGVLNSWTDQDSKDSTYSMSSTLTLTKDEYERHNSYTCEATHKTSTSPIVKSFNRNEC
;
L
3 'polypeptide(L)'
;(PCA)VQLQQPGAELVKPGASVKLSCKASGYTFTSSWMHWVKQRPGQGLEWIGMIHPNSGSTNYNEKFKNKATLTVDKSS
STAYMQLSSLTSEDSAVYYCARYYYDYDGMDYWGQGTSVTVSSAKTTAPSVYPLAPVCGGTTGSSVTLGCLVKGYFPEPV
TLTWNSGSLSSGVHTFPALLQSGLYTLSSSVTVTSNTWPSQTITCNVAHPASSTKVDKKIEPRVP
;
H
#
# COMPACT_ATOMS: atom_id res chain seq x y z
N VAL A 6 -43.81 5.43 -12.80
CA VAL A 6 -43.73 4.38 -13.80
C VAL A 6 -42.32 3.79 -13.84
N SER A 7 -41.65 3.78 -12.69
CA SER A 7 -40.29 3.30 -12.57
C SER A 7 -40.29 1.87 -12.04
N TYR A 8 -39.74 0.95 -12.82
CA TYR A 8 -39.74 -0.46 -12.47
C TYR A 8 -38.39 -0.86 -11.87
N SER A 9 -38.42 -1.87 -11.01
CA SER A 9 -37.19 -2.42 -10.47
C SER A 9 -36.46 -3.24 -11.55
N LEU A 10 -35.22 -3.60 -11.25
CA LEU A 10 -34.45 -4.41 -12.18
C LEU A 10 -34.99 -5.83 -12.24
N CYS A 11 -34.96 -6.41 -13.43
CA CYS A 11 -35.17 -7.85 -13.57
C CYS A 11 -34.00 -8.58 -12.97
N THR A 12 -34.24 -9.36 -11.92
CA THR A 12 -33.14 -10.04 -11.25
C THR A 12 -33.10 -11.54 -11.53
N ALA A 13 -34.08 -12.10 -12.23
CA ALA A 13 -34.02 -13.50 -12.62
C ALA A 13 -33.10 -13.65 -13.84
N ALA A 14 -33.02 -14.86 -14.38
CA ALA A 14 -31.98 -15.22 -15.34
C ALA A 14 -32.40 -14.92 -16.77
N PHE A 15 -31.47 -14.35 -17.52
CA PHE A 15 -31.61 -14.12 -18.95
C PHE A 15 -30.89 -15.17 -19.77
N THR A 16 -31.37 -15.36 -20.99
CA THR A 16 -30.79 -16.29 -21.96
C THR A 16 -30.82 -15.60 -23.32
N PHE A 17 -29.70 -15.63 -24.05
CA PHE A 17 -29.71 -15.12 -25.42
C PHE A 17 -30.61 -15.99 -26.28
N THR A 18 -31.42 -15.37 -27.12
CA THR A 18 -32.30 -16.14 -28.00
C THR A 18 -31.68 -16.44 -29.35
N LYS A 19 -30.58 -15.78 -29.68
CA LYS A 19 -29.84 -15.93 -30.92
C LYS A 19 -28.55 -15.14 -30.75
N ILE A 20 -27.65 -15.26 -31.71
CA ILE A 20 -26.36 -14.55 -31.58
C ILE A 20 -26.58 -13.06 -31.76
N PRO A 21 -25.96 -12.21 -30.94
CA PRO A 21 -26.07 -10.76 -31.18
C PRO A 21 -25.61 -10.41 -32.58
N ALA A 22 -26.19 -9.34 -33.13
CA ALA A 22 -26.03 -8.98 -34.54
C ALA A 22 -25.52 -7.56 -34.68
N GLU A 23 -24.56 -7.37 -35.58
CA GLU A 23 -24.03 -6.04 -35.85
C GLU A 23 -24.92 -5.31 -36.85
N THR A 24 -25.21 -4.04 -36.57
CA THR A 24 -25.98 -3.21 -37.47
C THR A 24 -25.07 -2.45 -38.43
N LEU A 25 -25.70 -1.74 -39.37
CA LEU A 25 -24.95 -1.08 -40.43
C LEU A 25 -23.84 -0.19 -39.88
N HIS A 26 -24.15 0.62 -38.87
CA HIS A 26 -23.18 1.58 -38.34
C HIS A 26 -22.38 1.05 -37.17
N GLY A 27 -22.44 -0.24 -36.89
CA GLY A 27 -21.56 -0.84 -35.91
C GLY A 27 -22.09 -0.95 -34.50
N THR A 28 -23.38 -0.67 -34.29
CA THR A 28 -23.98 -1.03 -33.01
C THR A 28 -24.30 -2.53 -33.02
N VAL A 29 -24.77 -3.04 -31.89
CA VAL A 29 -25.14 -4.44 -31.78
C VAL A 29 -26.55 -4.54 -31.20
N THR A 30 -27.39 -5.34 -31.83
CA THR A 30 -28.70 -5.66 -31.28
C THR A 30 -28.64 -7.04 -30.64
N VAL A 31 -29.31 -7.16 -29.50
CA VAL A 31 -29.19 -8.33 -28.63
C VAL A 31 -30.60 -8.73 -28.22
N GLU A 32 -31.04 -9.93 -28.59
CA GLU A 32 -32.33 -10.43 -28.17
C GLU A 32 -32.14 -11.45 -27.05
N VAL A 33 -32.90 -11.29 -25.98
CA VAL A 33 -32.81 -12.15 -24.82
C VAL A 33 -34.21 -12.60 -24.44
N GLN A 34 -34.27 -13.65 -23.61
CA GLN A 34 -35.52 -14.06 -22.98
C GLN A 34 -35.29 -14.14 -21.47
N TYR A 35 -36.36 -13.94 -20.72
CA TYR A 35 -36.29 -13.73 -19.28
C TYR A 35 -37.04 -14.86 -18.57
N ALA A 36 -36.34 -15.58 -17.70
CA ALA A 36 -36.96 -16.70 -17.00
C ALA A 36 -37.95 -16.26 -15.94
N GLY A 37 -37.82 -15.03 -15.44
CA GLY A 37 -38.67 -14.59 -14.36
C GLY A 37 -40.12 -14.40 -14.77
N THR A 38 -41.00 -14.52 -13.78
CA THR A 38 -42.41 -14.15 -13.91
C THR A 38 -42.75 -12.94 -13.07
N ASP A 39 -41.73 -12.19 -12.63
CA ASP A 39 -41.89 -11.06 -11.73
C ASP A 39 -41.91 -9.71 -12.45
N GLY A 40 -42.11 -9.70 -13.77
CA GLY A 40 -42.31 -8.46 -14.49
C GLY A 40 -43.54 -7.71 -14.02
N PRO A 41 -43.63 -6.40 -14.35
CA PRO A 41 -42.68 -5.66 -15.19
C PRO A 41 -41.38 -5.32 -14.48
N CYS A 42 -40.29 -5.30 -15.23
CA CYS A 42 -38.98 -5.00 -14.66
C CYS A 42 -38.07 -4.51 -15.78
N LYS A 43 -36.97 -3.90 -15.39
CA LYS A 43 -36.02 -3.34 -16.35
C LYS A 43 -34.86 -4.29 -16.60
N VAL A 44 -34.57 -4.55 -17.88
CA VAL A 44 -33.47 -5.43 -18.24
C VAL A 44 -32.13 -4.77 -17.95
N PRO A 45 -31.26 -5.37 -17.14
CA PRO A 45 -29.90 -4.83 -16.98
C PRO A 45 -29.07 -5.16 -18.21
N ALA A 46 -28.37 -4.15 -18.74
CA ALA A 46 -27.56 -4.35 -19.93
C ALA A 46 -26.41 -3.35 -19.97
N GLN A 47 -25.23 -3.83 -20.35
CA GLN A 47 -24.08 -2.93 -20.55
C GLN A 47 -23.06 -3.61 -21.45
N MET A 48 -22.07 -2.82 -21.86
CA MET A 48 -20.82 -3.33 -22.39
C MET A 48 -19.74 -3.17 -21.32
N ALA A 49 -18.78 -4.10 -21.30
CA ALA A 49 -17.63 -4.00 -20.42
C ALA A 49 -16.42 -4.60 -21.13
N VAL A 50 -15.22 -4.16 -20.76
CA VAL A 50 -14.00 -4.86 -21.18
C VAL A 50 -13.45 -5.75 -20.10
N ASP A 51 -13.83 -5.55 -18.85
CA ASP A 51 -13.24 -6.22 -17.70
C ASP A 51 -14.39 -6.82 -16.90
N MET A 52 -14.54 -8.14 -16.95
CA MET A 52 -15.63 -8.77 -16.22
C MET A 52 -15.40 -8.73 -14.71
N GLN A 53 -14.18 -8.49 -14.27
CA GLN A 53 -13.90 -8.44 -12.84
C GLN A 53 -14.20 -7.08 -12.21
N THR A 54 -14.55 -6.07 -13.02
CA THR A 54 -14.97 -4.77 -12.48
C THR A 54 -16.28 -4.28 -13.07
N LEU A 55 -16.62 -4.70 -14.27
CA LEU A 55 -17.83 -4.27 -14.96
C LEU A 55 -17.85 -2.77 -15.24
N THR A 56 -16.71 -2.09 -15.25
CA THR A 56 -16.72 -0.69 -15.62
C THR A 56 -17.37 -0.55 -16.99
N PRO A 57 -18.40 0.28 -17.15
CA PRO A 57 -19.07 0.35 -18.46
C PRO A 57 -18.15 0.92 -19.53
N VAL A 58 -18.32 0.40 -20.73
CA VAL A 58 -17.70 0.94 -21.93
C VAL A 58 -18.79 1.06 -22.99
N GLY A 59 -18.47 1.78 -24.06
CA GLY A 59 -19.49 2.05 -25.06
C GLY A 59 -20.70 2.72 -24.43
N ARG A 60 -21.88 2.42 -24.95
CA ARG A 60 -23.13 3.02 -24.48
C ARG A 60 -24.28 2.02 -24.63
N LEU A 61 -25.20 2.03 -23.67
CA LEU A 61 -26.48 1.37 -23.85
C LEU A 61 -27.39 2.34 -24.60
N ILE A 62 -27.90 1.92 -25.75
CA ILE A 62 -28.75 2.79 -26.58
C ILE A 62 -30.21 2.69 -26.18
N THR A 63 -30.71 1.46 -26.05
CA THR A 63 -32.06 1.25 -25.51
C THR A 63 -31.92 1.32 -24.00
N ALA A 64 -32.01 2.54 -23.47
CA ALA A 64 -31.63 2.77 -22.08
C ALA A 64 -32.76 2.57 -21.08
N ASN A 65 -33.97 2.26 -21.53
CA ASN A 65 -35.07 1.92 -20.63
C ASN A 65 -35.77 0.66 -21.13
N PRO A 66 -35.06 -0.47 -21.19
CA PRO A 66 -35.65 -1.69 -21.76
C PRO A 66 -36.50 -2.41 -20.72
N VAL A 67 -37.82 -2.38 -20.91
CA VAL A 67 -38.76 -2.88 -19.91
C VAL A 67 -39.37 -4.19 -20.38
N ILE A 68 -39.25 -5.22 -19.57
CA ILE A 68 -40.07 -6.42 -19.70
C ILE A 68 -41.41 -6.09 -19.07
N THR A 69 -42.47 -6.10 -19.87
CA THR A 69 -43.81 -5.84 -19.34
C THR A 69 -44.54 -7.11 -18.97
N GLU A 70 -44.14 -8.25 -19.52
CA GLU A 70 -44.89 -9.48 -19.38
C GLU A 70 -44.50 -10.20 -18.10
N SER A 71 -45.45 -10.96 -17.57
CA SER A 71 -45.17 -11.84 -16.44
C SER A 71 -45.22 -13.31 -16.83
N THR A 72 -45.46 -13.62 -18.09
CA THR A 72 -45.30 -15.00 -18.55
C THR A 72 -43.81 -15.32 -18.63
N GLU A 73 -43.48 -16.58 -18.38
CA GLU A 73 -42.07 -16.95 -18.34
C GLU A 73 -41.47 -16.96 -19.74
N ASN A 74 -40.17 -16.68 -19.81
CA ASN A 74 -39.41 -16.76 -21.06
C ASN A 74 -39.84 -15.72 -22.08
N SER A 75 -40.33 -14.57 -21.63
CA SER A 75 -40.67 -13.52 -22.59
C SER A 75 -39.39 -12.90 -23.15
N LYS A 76 -39.51 -12.32 -24.35
CA LYS A 76 -38.37 -11.91 -25.15
C LYS A 76 -38.29 -10.40 -25.25
N MET A 77 -37.05 -9.89 -25.31
CA MET A 77 -36.84 -8.46 -25.38
C MET A 77 -35.60 -8.18 -26.22
N MET A 78 -35.62 -7.06 -26.94
CA MET A 78 -34.52 -6.64 -27.79
C MET A 78 -33.83 -5.43 -27.19
N LEU A 79 -32.51 -5.44 -27.23
CA LEU A 79 -31.67 -4.35 -26.74
C LEU A 79 -30.75 -3.90 -27.86
N GLU A 80 -30.26 -2.67 -27.75
CA GLU A 80 -29.20 -2.18 -28.64
C GLU A 80 -28.14 -1.49 -27.81
N LEU A 81 -26.88 -1.80 -28.10
CA LEU A 81 -25.74 -1.17 -27.45
C LEU A 81 -24.77 -0.67 -28.51
N ASP A 82 -23.97 0.33 -28.12
CA ASP A 82 -22.93 0.89 -28.97
C ASP A 82 -21.58 0.42 -28.45
N PRO A 83 -20.95 -0.58 -29.06
CA PRO A 83 -19.71 -1.13 -28.49
C PRO A 83 -18.54 -0.18 -28.69
N PRO A 84 -17.55 -0.22 -27.82
CA PRO A 84 -16.29 0.46 -28.11
C PRO A 84 -15.60 -0.24 -29.28
N PHE A 85 -14.66 0.46 -29.89
CA PHE A 85 -13.83 -0.21 -30.87
C PHE A 85 -12.99 -1.26 -30.18
N GLY A 86 -12.70 -2.34 -30.91
CA GLY A 86 -11.89 -3.40 -30.35
C GLY A 86 -12.74 -4.47 -29.70
N ASP A 87 -12.19 -5.13 -28.69
CA ASP A 87 -12.85 -6.26 -28.03
C ASP A 87 -13.57 -5.77 -26.79
N SER A 88 -14.73 -6.36 -26.53
CA SER A 88 -15.50 -6.06 -25.32
C SER A 88 -16.46 -7.21 -25.07
N TYR A 89 -17.25 -7.09 -24.01
CA TYR A 89 -18.30 -8.05 -23.70
C TYR A 89 -19.64 -7.36 -23.60
N ILE A 90 -20.64 -7.98 -24.22
CA ILE A 90 -22.04 -7.66 -23.92
C ILE A 90 -22.39 -8.36 -22.62
N VAL A 91 -22.99 -7.64 -21.67
CA VAL A 91 -23.35 -8.19 -20.37
C VAL A 91 -24.83 -7.92 -20.12
N ILE A 92 -25.63 -8.99 -20.02
CA ILE A 92 -27.06 -8.88 -19.74
C ILE A 92 -27.35 -9.52 -18.38
N GLY A 93 -28.19 -8.86 -17.59
CA GLY A 93 -28.59 -9.34 -16.28
C GLY A 93 -27.62 -8.94 -15.19
N VAL A 94 -28.00 -9.25 -13.95
CA VAL A 94 -27.20 -8.98 -12.78
C VAL A 94 -27.01 -10.25 -11.96
N GLY A 95 -25.98 -10.22 -11.11
CA GLY A 95 -25.78 -11.33 -10.19
C GLY A 95 -25.07 -12.50 -10.85
N GLU A 96 -25.09 -13.63 -10.13
CA GLU A 96 -24.31 -14.78 -10.56
C GLU A 96 -24.83 -15.43 -11.84
N LYS A 97 -26.04 -15.12 -12.30
CA LYS A 97 -26.54 -15.71 -13.53
C LYS A 97 -26.48 -14.76 -14.72
N LYS A 98 -25.80 -13.62 -14.59
CA LYS A 98 -25.64 -12.73 -15.73
C LYS A 98 -24.97 -13.47 -16.89
N ILE A 99 -25.27 -13.05 -18.12
CA ILE A 99 -24.73 -13.68 -19.32
C ILE A 99 -23.88 -12.70 -20.10
N THR A 100 -22.81 -13.20 -20.69
CA THR A 100 -21.88 -12.35 -21.43
C THR A 100 -21.67 -12.92 -22.83
N HIS A 101 -21.30 -12.04 -23.74
CA HIS A 101 -20.97 -12.45 -25.10
C HIS A 101 -19.83 -11.58 -25.60
N HIS A 102 -18.76 -12.23 -26.05
CA HIS A 102 -17.60 -11.49 -26.52
C HIS A 102 -17.94 -10.82 -27.85
N TRP A 103 -17.44 -9.60 -28.03
CA TRP A 103 -17.76 -8.79 -29.19
C TRP A 103 -16.49 -8.13 -29.70
N HIS A 104 -16.36 -8.01 -31.03
CA HIS A 104 -15.25 -7.27 -31.63
C HIS A 104 -15.81 -6.29 -32.64
N ARG A 105 -15.48 -5.01 -32.47
CA ARG A 105 -15.89 -3.97 -33.42
C ARG A 105 -14.66 -3.41 -34.12
N SER A 106 -14.69 -3.46 -35.45
CA SER A 106 -13.60 -2.93 -36.26
C SER A 106 -13.56 -1.41 -36.21
N GLY A 107 -12.36 -0.85 -36.32
CA GLY A 107 -12.22 0.59 -36.37
C GLY A 107 -12.93 1.23 -37.54
N SER A 108 -13.14 0.48 -38.62
CA SER A 108 -13.77 1.01 -39.81
C SER A 108 -15.30 1.02 -39.72
N THR A 109 -15.88 0.28 -38.77
CA THR A 109 -17.33 0.14 -38.67
C THR A 109 -17.87 1.31 -37.86
N ILE A 110 -18.23 2.39 -38.56
CA ILE A 110 -18.71 3.61 -37.91
C ILE A 110 -20.05 4.07 -38.48
N ASP B 1 -12.23 12.81 -16.78
CA ASP B 1 -11.85 12.18 -15.51
C ASP B 1 -12.81 12.60 -14.41
N ILE B 2 -13.14 11.68 -13.52
CA ILE B 2 -14.03 11.99 -12.41
C ILE B 2 -13.20 12.47 -11.23
N VAL B 3 -13.65 13.52 -10.58
CA VAL B 3 -12.93 14.08 -9.44
C VAL B 3 -13.51 13.52 -8.16
N MET B 4 -12.64 12.94 -7.33
CA MET B 4 -13.04 12.34 -6.07
C MET B 4 -12.47 13.18 -4.94
N SER B 5 -13.32 13.53 -3.98
CA SER B 5 -12.94 14.41 -2.89
C SER B 5 -13.24 13.71 -1.57
N GLN B 6 -12.24 13.61 -0.70
CA GLN B 6 -12.41 12.97 0.60
C GLN B 6 -12.27 13.99 1.72
N SER B 7 -13.05 13.80 2.77
CA SER B 7 -12.97 14.62 3.97
C SER B 7 -13.27 13.75 5.18
N PRO B 8 -12.62 14.05 6.31
CA PRO B 8 -11.55 15.05 6.40
C PRO B 8 -10.25 14.48 5.85
N SER B 9 -9.27 15.33 5.58
CA SER B 9 -7.99 14.79 5.09
C SER B 9 -7.26 14.00 6.17
N SER B 10 -7.46 14.36 7.44
CA SER B 10 -6.96 13.56 8.54
C SER B 10 -7.98 13.62 9.67
N LEU B 11 -8.00 12.58 10.48
CA LEU B 11 -8.86 12.59 11.66
C LEU B 11 -8.17 11.87 12.80
N ALA B 12 -8.36 12.39 14.01
CA ALA B 12 -7.78 11.84 15.21
C ALA B 12 -8.91 11.22 16.02
N VAL B 13 -8.79 9.92 16.30
CA VAL B 13 -9.87 9.14 16.90
C VAL B 13 -9.29 8.28 18.00
N SER B 14 -10.15 7.88 18.93
CA SER B 14 -9.77 7.01 20.03
C SER B 14 -10.17 5.58 19.72
N VAL B 15 -9.41 4.63 20.25
CA VAL B 15 -9.80 3.23 20.14
C VAL B 15 -11.21 3.07 20.70
N GLY B 16 -12.07 2.41 19.93
CA GLY B 16 -13.45 2.18 20.31
C GLY B 16 -14.43 3.20 19.75
N GLU B 17 -13.94 4.27 19.15
CA GLU B 17 -14.82 5.28 18.56
C GLU B 17 -15.38 4.75 17.24
N LYS B 18 -16.60 5.17 16.94
CA LYS B 18 -17.19 4.93 15.63
C LYS B 18 -16.76 6.08 14.73
N VAL B 19 -16.04 5.76 13.65
CA VAL B 19 -15.45 6.78 12.80
C VAL B 19 -16.12 6.74 11.44
N THR B 20 -16.46 7.92 10.92
CA THR B 20 -17.07 8.04 9.60
C THR B 20 -16.20 8.94 8.74
N MET B 21 -15.94 8.50 7.52
CA MET B 21 -15.11 9.21 6.54
CA MET B 21 -15.19 9.32 6.59
C MET B 21 -15.94 9.39 5.26
N SER B 22 -15.81 10.53 4.61
CA SER B 22 -16.66 10.89 3.48
CA SER B 22 -16.67 10.88 3.48
C SER B 22 -15.89 10.88 2.16
N CYS B 23 -16.62 10.56 1.10
CA CYS B 23 -16.09 10.54 -0.24
C CYS B 23 -17.18 11.07 -1.17
N LYS B 24 -16.84 12.08 -1.98
CA LYS B 24 -17.78 12.69 -2.90
C LYS B 24 -17.20 12.64 -4.31
N SER B 25 -18.07 12.42 -5.30
CA SER B 25 -17.66 12.39 -6.71
C SER B 25 -18.30 13.54 -7.47
N SER B 26 -17.70 13.88 -8.61
CA SER B 26 -18.17 14.98 -9.43
C SER B 26 -19.36 14.63 -10.32
N GLN B 27 -19.69 13.34 -10.44
CA GLN B 27 -20.87 12.87 -11.15
C GLN B 27 -21.27 11.55 -10.51
N SER B 28 -22.49 11.11 -10.77
CA SER B 28 -23.00 9.93 -10.09
C SER B 28 -22.18 8.69 -10.47
N LEU B 29 -21.87 7.87 -9.49
CA LEU B 29 -21.26 6.56 -9.70
C LEU B 29 -22.29 5.44 -9.75
N LEU B 30 -23.57 5.77 -9.66
CA LEU B 30 -24.63 4.78 -9.77
C LEU B 30 -24.96 4.60 -11.23
N TYR B 31 -24.73 3.39 -11.73
CA TYR B 31 -25.02 3.08 -13.12
C TYR B 31 -26.45 2.58 -13.19
N SER B 32 -27.32 3.32 -13.86
CA SER B 32 -28.74 2.99 -13.79
C SER B 32 -29.03 1.62 -14.38
N SER B 33 -28.23 1.15 -15.33
CA SER B 33 -28.53 -0.11 -15.99
C SER B 33 -28.50 -1.30 -15.03
N ASN B 34 -27.54 -1.32 -14.10
CA ASN B 34 -27.46 -2.38 -13.11
C ASN B 34 -27.67 -1.93 -11.68
N GLN B 35 -27.93 -0.64 -11.46
CA GLN B 35 -28.18 -0.10 -10.12
C GLN B 35 -27.04 -0.37 -9.16
N LYS B 36 -25.81 -0.42 -9.66
CA LYS B 36 -24.63 -0.62 -8.83
C LYS B 36 -23.84 0.68 -8.74
N ASN B 37 -23.29 0.94 -7.56
CA ASN B 37 -22.44 2.10 -7.32
C ASN B 37 -20.98 1.69 -7.50
N TYR B 38 -20.30 2.34 -8.44
CA TYR B 38 -18.94 1.97 -8.86
C TYR B 38 -17.91 2.68 -7.99
N LEU B 39 -17.90 2.32 -6.70
CA LEU B 39 -17.07 2.97 -5.71
C LEU B 39 -16.42 1.92 -4.82
N ALA B 40 -15.10 1.99 -4.67
CA ALA B 40 -14.34 1.08 -3.83
C ALA B 40 -13.63 1.86 -2.74
N TRP B 41 -13.33 1.18 -1.63
CA TRP B 41 -12.54 1.73 -0.54
C TRP B 41 -11.31 0.86 -0.32
N TYR B 42 -10.17 1.52 -0.15
CA TYR B 42 -8.89 0.86 0.11
C TYR B 42 -8.34 1.33 1.45
N GLN B 43 -7.63 0.42 2.13
CA GLN B 43 -6.90 0.72 3.34
C GLN B 43 -5.41 0.57 3.06
N GLN B 44 -4.61 1.53 3.50
CA GLN B 44 -3.16 1.43 3.36
C GLN B 44 -2.51 1.68 4.71
N LYS B 45 -2.01 0.61 5.32
CA LYS B 45 -1.30 0.72 6.57
C LYS B 45 0.14 1.15 6.30
N PRO B 46 0.81 1.73 7.28
CA PRO B 46 2.17 2.23 7.05
C PRO B 46 3.08 1.14 6.49
N GLY B 47 3.80 1.48 5.42
CA GLY B 47 4.75 0.58 4.81
C GLY B 47 4.16 -0.57 4.02
N GLN B 48 2.85 -0.61 3.83
CA GLN B 48 2.20 -1.69 3.11
C GLN B 48 1.56 -1.17 1.83
N SER B 49 1.25 -2.09 0.94
CA SER B 49 0.48 -1.77 -0.24
C SER B 49 -0.99 -1.56 0.15
N PRO B 50 -1.74 -0.84 -0.68
CA PRO B 50 -3.18 -0.74 -0.44
C PRO B 50 -3.83 -2.11 -0.44
N LYS B 51 -4.91 -2.22 0.34
CA LYS B 51 -5.71 -3.44 0.43
C LYS B 51 -7.17 -3.07 0.22
N LEU B 52 -7.85 -3.80 -0.63
CA LEU B 52 -9.27 -3.53 -0.89
C LEU B 52 -10.08 -3.89 0.34
N LEU B 53 -10.94 -2.95 0.78
CA LEU B 53 -11.90 -3.20 1.85
C LEU B 53 -13.31 -3.43 1.34
N ILE B 54 -13.77 -2.57 0.42
CA ILE B 54 -15.17 -2.49 0.04
C ILE B 54 -15.21 -2.24 -1.46
N TYR B 55 -16.12 -2.92 -2.15
CA TYR B 55 -16.43 -2.59 -3.54
C TYR B 55 -17.94 -2.56 -3.69
N TRP B 56 -18.41 -2.07 -4.85
CA TRP B 56 -19.85 -1.83 -5.05
C TRP B 56 -20.43 -0.96 -3.94
N ALA B 57 -19.59 -0.08 -3.40
CA ALA B 57 -19.93 0.86 -2.33
C ALA B 57 -20.15 0.20 -0.97
N SER B 58 -20.66 -1.03 -0.94
CA SER B 58 -21.06 -1.63 0.33
C SER B 58 -20.69 -3.11 0.49
N THR B 59 -20.09 -3.74 -0.52
CA THR B 59 -19.75 -5.15 -0.42
C THR B 59 -18.35 -5.28 0.17
N ARG B 60 -18.22 -6.02 1.27
CA ARG B 60 -16.92 -6.22 1.89
C ARG B 60 -16.10 -7.28 1.15
N GLU B 61 -14.82 -6.99 0.99
CA GLU B 61 -13.87 -7.99 0.53
C GLU B 61 -13.80 -9.14 1.53
N SER B 62 -13.53 -10.35 1.04
CA SER B 62 -13.44 -11.50 1.92
C SER B 62 -12.34 -11.29 2.95
N GLY B 63 -12.62 -11.68 4.20
CA GLY B 63 -11.66 -11.53 5.27
C GLY B 63 -11.65 -10.19 5.97
N VAL B 64 -12.36 -9.20 5.45
CA VAL B 64 -12.44 -7.89 6.11
C VAL B 64 -13.48 -7.97 7.22
N PRO B 65 -13.15 -7.55 8.45
CA PRO B 65 -14.12 -7.64 9.55
C PRO B 65 -15.32 -6.76 9.31
N ASP B 66 -16.47 -7.17 9.86
CA ASP B 66 -17.68 -6.41 9.60
C ASP B 66 -17.75 -5.10 10.39
N ARG B 67 -16.71 -4.76 11.16
CA ARG B 67 -16.68 -3.40 11.71
C ARG B 67 -16.52 -2.34 10.62
N PHE B 68 -16.04 -2.72 9.44
CA PHE B 68 -15.96 -1.80 8.30
C PHE B 68 -17.25 -1.89 7.49
N THR B 69 -17.93 -0.76 7.31
CA THR B 69 -19.14 -0.71 6.50
C THR B 69 -19.06 0.43 5.50
N GLY B 70 -19.37 0.14 4.24
CA GLY B 70 -19.49 1.16 3.21
C GLY B 70 -20.95 1.46 2.95
N SER B 71 -21.26 2.76 2.77
CA SER B 71 -22.63 3.18 2.51
C SER B 71 -22.64 4.34 1.53
N GLY B 72 -23.84 4.70 1.09
CA GLY B 72 -24.03 5.81 0.19
C GLY B 72 -24.39 5.36 -1.22
N SER B 73 -24.67 6.34 -2.05
CA SER B 73 -25.09 6.08 -3.43
C SER B 73 -24.93 7.36 -4.22
N GLY B 74 -24.78 7.21 -5.53
CA GLY B 74 -24.75 8.37 -6.39
C GLY B 74 -23.43 9.11 -6.32
N THR B 75 -23.41 10.26 -5.66
CA THR B 75 -22.19 11.05 -5.53
C THR B 75 -21.67 11.12 -4.10
N ASP B 76 -22.36 10.51 -3.13
CA ASP B 76 -22.07 10.70 -1.72
C ASP B 76 -21.88 9.35 -1.04
N PHE B 77 -20.68 9.11 -0.52
CA PHE B 77 -20.31 7.82 0.04
C PHE B 77 -19.62 8.01 1.38
N THR B 78 -19.74 7.01 2.24
CA THR B 78 -19.06 7.01 3.52
C THR B 78 -18.48 5.63 3.81
N LEU B 79 -17.35 5.64 4.50
CA LEU B 79 -16.79 4.44 5.12
C LEU B 79 -16.88 4.64 6.61
N THR B 80 -17.44 3.66 7.31
CA THR B 80 -17.58 3.70 8.76
C THR B 80 -16.81 2.54 9.37
N ILE B 81 -16.08 2.83 10.45
CA ILE B 81 -15.50 1.81 11.31
C ILE B 81 -16.27 1.86 12.61
N SER B 82 -17.02 0.80 12.91
CA SER B 82 -17.99 0.86 14.00
C SER B 82 -17.32 1.06 15.36
N SER B 83 -16.17 0.42 15.58
CA SER B 83 -15.41 0.57 16.82
C SER B 83 -13.95 0.41 16.42
N VAL B 84 -13.23 1.52 16.32
CA VAL B 84 -11.91 1.47 15.73
CA VAL B 84 -11.88 1.55 15.78
C VAL B 84 -10.93 0.72 16.64
N LYS B 85 -10.06 -0.07 16.00
CA LYS B 85 -9.00 -0.80 16.68
C LYS B 85 -7.65 -0.18 16.36
N ALA B 86 -6.68 -0.43 17.24
CA ALA B 86 -5.32 0.09 17.03
C ALA B 86 -4.79 -0.30 15.66
N GLU B 87 -5.13 -1.50 15.20
CA GLU B 87 -4.65 -2.00 13.92
C GLU B 87 -5.23 -1.24 12.73
N ASP B 88 -6.24 -0.41 12.94
CA ASP B 88 -6.89 0.33 11.87
C ASP B 88 -6.13 1.60 11.49
N LEU B 89 -5.01 1.88 12.17
CA LEU B 89 -4.17 3.01 11.79
C LEU B 89 -3.74 2.87 10.34
N ALA B 90 -4.11 3.84 9.51
CA ALA B 90 -3.93 3.70 8.07
C ALA B 90 -4.44 4.96 7.39
N VAL B 91 -4.13 5.08 6.11
CA VAL B 91 -4.80 6.04 5.23
C VAL B 91 -5.87 5.27 4.46
N TYR B 92 -7.06 5.84 4.37
CA TYR B 92 -8.18 5.24 3.67
C TYR B 92 -8.46 6.04 2.41
N TYR B 93 -8.52 5.35 1.27
CA TYR B 93 -8.77 5.98 -0.02
C TYR B 93 -10.07 5.44 -0.61
N CYS B 94 -10.88 6.32 -1.16
CA CYS B 94 -11.95 5.87 -2.04
C CYS B 94 -11.47 5.98 -3.48
N GLN B 95 -12.09 5.15 -4.34
CA GLN B 95 -11.69 5.10 -5.74
C GLN B 95 -12.91 4.80 -6.57
N GLN B 96 -13.24 5.70 -7.49
CA GLN B 96 -14.29 5.41 -8.45
C GLN B 96 -13.77 4.52 -9.57
N TYR B 97 -14.60 3.57 -9.99
CA TYR B 97 -14.33 2.75 -11.17
C TYR B 97 -15.52 2.79 -12.13
N TYR B 98 -16.27 3.89 -12.09
CA TYR B 98 -17.37 4.12 -13.03
C TYR B 98 -16.85 4.37 -14.44
N THR B 99 -15.74 5.12 -14.58
CA THR B 99 -15.13 5.36 -15.87
C THR B 99 -13.62 5.21 -15.76
N TYR B 100 -13.01 4.84 -16.88
CA TYR B 100 -11.56 4.94 -17.03
C TYR B 100 -11.26 6.39 -17.36
N PRO B 101 -10.18 6.94 -16.80
CA PRO B 101 -9.24 6.26 -15.88
C PRO B 101 -9.79 6.21 -14.45
N TYR B 102 -9.49 5.14 -13.74
CA TYR B 102 -9.86 5.10 -12.33
C TYR B 102 -9.21 6.26 -11.61
N THR B 103 -9.93 6.86 -10.66
CA THR B 103 -9.39 7.99 -9.91
C THR B 103 -9.66 7.81 -8.43
N PHE B 104 -8.72 8.24 -7.61
CA PHE B 104 -8.76 8.08 -6.16
C PHE B 104 -9.00 9.42 -5.49
N GLY B 105 -9.68 9.38 -4.35
CA GLY B 105 -9.68 10.54 -3.47
C GLY B 105 -8.32 10.78 -2.87
N GLY B 106 -8.16 11.94 -2.22
CA GLY B 106 -6.88 12.28 -1.61
C GLY B 106 -6.58 11.55 -0.33
N GLY B 107 -7.52 10.76 0.16
CA GLY B 107 -7.29 9.93 1.34
C GLY B 107 -7.71 10.62 2.62
N THR B 108 -8.04 9.80 3.61
CA THR B 108 -8.22 10.25 4.98
C THR B 108 -7.22 9.48 5.84
N LYS B 109 -6.31 10.20 6.49
CA LYS B 109 -5.33 9.59 7.37
C LYS B 109 -5.93 9.47 8.76
N LEU B 110 -6.05 8.24 9.24
CA LEU B 110 -6.61 7.96 10.55
C LEU B 110 -5.48 7.88 11.56
N GLU B 111 -5.47 8.79 12.53
CA GLU B 111 -4.52 8.80 13.62
C GLU B 111 -5.24 8.48 14.92
N ILE B 112 -4.52 7.88 15.87
CA ILE B 112 -5.14 7.34 17.07
C ILE B 112 -4.69 8.14 18.28
N ASN B 113 -5.67 8.69 18.99
CA ASN B 113 -5.42 9.30 20.29
C ASN B 113 -5.40 8.19 21.32
N ARG B 114 -4.40 8.21 22.20
CA ARG B 114 -4.27 7.24 23.27
C ARG B 114 -3.70 7.95 24.50
N ALA B 115 -3.62 7.23 25.61
CA ALA B 115 -3.11 7.80 26.84
C ALA B 115 -1.62 8.14 26.72
N ASP B 116 -1.21 9.23 27.35
CA ASP B 116 0.20 9.58 27.37
C ASP B 116 1.02 8.45 27.99
N ALA B 117 2.24 8.27 27.48
CA ALA B 117 3.14 7.25 28.00
C ALA B 117 4.58 7.73 27.83
N ALA B 118 5.38 7.55 28.89
CA ALA B 118 6.81 7.87 28.84
C ALA B 118 7.59 6.77 28.11
N PRO B 119 8.67 7.12 27.45
CA PRO B 119 9.46 6.11 26.72
C PRO B 119 10.31 5.25 27.64
N THR B 120 10.62 4.06 27.15
CA THR B 120 11.67 3.22 27.69
C THR B 120 12.93 3.46 26.87
N VAL B 121 14.05 3.75 27.53
CA VAL B 121 15.24 4.23 26.84
C VAL B 121 16.34 3.17 26.88
N SER B 122 17.06 3.04 25.76
CA SER B 122 18.15 2.09 25.58
C SER B 122 19.25 2.80 24.83
N ILE B 123 20.51 2.49 25.15
CA ILE B 123 21.65 3.15 24.51
C ILE B 123 22.65 2.10 24.04
N PHE B 124 23.29 2.36 22.91
CA PHE B 124 24.18 1.40 22.27
C PHE B 124 25.47 2.07 21.80
N PRO B 125 26.61 1.70 22.37
CA PRO B 125 27.90 2.21 21.90
C PRO B 125 28.19 1.73 20.49
N PRO B 126 29.17 2.33 19.82
CA PRO B 126 29.60 1.84 18.51
C PRO B 126 29.94 0.36 18.56
N SER B 127 29.62 -0.33 17.48
CA SER B 127 30.04 -1.72 17.35
C SER B 127 31.54 -1.77 17.09
N SER B 128 32.18 -2.86 17.53
CA SER B 128 33.58 -3.05 17.20
C SER B 128 33.78 -3.04 15.70
N GLU B 129 32.82 -3.59 14.94
CA GLU B 129 32.93 -3.61 13.49
C GLU B 129 33.04 -2.21 12.92
N GLN B 130 32.16 -1.30 13.36
CA GLN B 130 32.18 0.05 12.82
C GLN B 130 33.47 0.77 13.19
N LEU B 131 33.92 0.59 14.44
CA LEU B 131 35.16 1.22 14.87
C LEU B 131 36.34 0.82 13.99
N THR B 132 36.40 -0.45 13.59
CA THR B 132 37.47 -0.89 12.70
C THR B 132 37.44 -0.14 11.37
N SER B 133 36.25 0.27 10.93
CA SER B 133 36.13 1.04 9.69
C SER B 133 36.45 2.51 9.87
N GLY B 134 36.63 2.98 11.09
CA GLY B 134 36.97 4.37 11.34
C GLY B 134 35.82 5.26 11.77
N GLY B 135 34.60 4.73 11.88
CA GLY B 135 33.45 5.51 12.30
C GLY B 135 32.96 5.08 13.68
N ALA B 136 32.08 5.89 14.25
CA ALA B 136 31.59 5.65 15.59
C ALA B 136 30.19 6.25 15.71
N SER B 137 29.18 5.40 15.59
CA SER B 137 27.79 5.83 15.80
C SER B 137 27.33 5.36 17.16
N VAL B 138 26.73 6.26 17.92
CA VAL B 138 26.10 5.93 19.19
C VAL B 138 24.59 6.04 18.97
N VAL B 139 23.85 5.02 19.40
CA VAL B 139 22.43 4.91 19.07
C VAL B 139 21.61 4.89 20.36
N CYS B 140 20.53 5.65 20.37
CA CYS B 140 19.62 5.69 21.50
C CYS B 140 18.23 5.37 20.97
N PHE B 141 17.54 4.43 21.60
CA PHE B 141 16.15 4.16 21.28
C PHE B 141 15.28 4.67 22.42
N LEU B 142 14.24 5.43 22.05
CA LEU B 142 13.18 5.89 22.97
C LEU B 142 11.90 5.21 22.49
N ASN B 143 11.48 4.18 23.22
CA ASN B 143 10.47 3.27 22.69
C ASN B 143 9.14 3.38 23.44
N ASN B 144 8.06 3.37 22.65
CA ASN B 144 6.68 3.20 23.13
C ASN B 144 6.21 4.37 24.00
N PHE B 145 6.21 5.56 23.40
CA PHE B 145 5.81 6.78 24.10
C PHE B 145 4.66 7.46 23.35
N TYR B 146 4.00 8.38 24.05
CA TYR B 146 2.89 9.12 23.45
C TYR B 146 2.67 10.34 24.32
N PRO B 147 2.48 11.53 23.70
CA PRO B 147 2.38 11.82 22.27
C PRO B 147 3.72 11.87 21.53
N LYS B 148 3.67 12.28 20.26
CA LYS B 148 4.80 12.12 19.35
C LYS B 148 5.97 13.05 19.70
N ASP B 149 5.68 14.27 20.12
CA ASP B 149 6.75 15.25 20.30
C ASP B 149 7.72 14.79 21.39
N ILE B 150 9.02 14.88 21.09
CA ILE B 150 10.04 14.55 22.07
C ILE B 150 11.33 15.25 21.68
N ASN B 151 12.03 15.75 22.69
CA ASN B 151 13.29 16.45 22.49
C ASN B 151 14.43 15.56 22.96
N VAL B 152 15.43 15.36 22.11
CA VAL B 152 16.57 14.51 22.44
C VAL B 152 17.85 15.32 22.38
N LYS B 153 18.68 15.18 23.39
CA LYS B 153 20.00 15.78 23.44
C LYS B 153 21.03 14.70 23.68
N TRP B 154 22.19 14.84 23.06
CA TRP B 154 23.34 14.01 23.35
C TRP B 154 24.30 14.83 24.19
N LYS B 155 24.78 14.24 25.28
CA LYS B 155 25.79 14.87 26.12
C LYS B 155 27.04 14.02 26.08
N ILE B 156 28.17 14.66 25.76
CA ILE B 156 29.47 13.99 25.69
C ILE B 156 30.30 14.62 26.79
N ASP B 157 30.65 13.81 27.80
CA ASP B 157 31.32 14.34 28.99
C ASP B 157 30.59 15.57 29.53
N GLY B 158 29.25 15.52 29.45
CA GLY B 158 28.41 16.57 30.00
C GLY B 158 28.09 17.72 29.07
N SER B 159 28.72 17.79 27.90
CA SER B 159 28.50 18.88 26.96
C SER B 159 27.54 18.44 25.86
N GLU B 160 26.53 19.27 25.60
CA GLU B 160 25.56 18.97 24.55
C GLU B 160 26.25 18.96 23.19
N ARG B 161 25.83 18.04 22.33
CA ARG B 161 26.35 17.92 20.97
C ARG B 161 25.18 17.71 20.04
N GLN B 162 24.93 18.64 19.12
CA GLN B 162 23.86 18.46 18.15
C GLN B 162 24.34 18.13 16.74
N ASN B 163 25.57 18.52 16.39
CA ASN B 163 26.11 18.19 15.08
C ASN B 163 26.23 16.69 14.91
N GLY B 164 25.78 16.18 13.78
CA GLY B 164 25.91 14.77 13.47
C GLY B 164 24.84 13.87 14.07
N VAL B 165 23.68 14.42 14.43
CA VAL B 165 22.62 13.65 15.07
C VAL B 165 21.46 13.49 14.08
N LEU B 166 20.99 12.25 13.93
CA LEU B 166 19.83 11.94 13.10
C LEU B 166 18.75 11.30 13.96
N ASN B 167 17.54 11.87 13.90
CA ASN B 167 16.42 11.45 14.75
C ASN B 167 15.28 11.00 13.85
N SER B 168 14.80 9.78 14.07
CA SER B 168 13.78 9.19 13.21
C SER B 168 12.65 8.59 14.05
N TRP B 169 11.43 8.96 13.72
CA TRP B 169 10.24 8.47 14.42
C TRP B 169 9.56 7.38 13.61
N THR B 170 9.07 6.35 14.29
CA THR B 170 8.19 5.39 13.64
C THR B 170 6.81 6.02 13.41
N ASP B 171 6.02 5.36 12.56
CA ASP B 171 4.58 5.60 12.57
C ASP B 171 3.99 5.03 13.86
N GLN B 172 2.76 5.41 14.18
CA GLN B 172 2.09 4.85 15.36
C GLN B 172 2.04 3.33 15.28
N ASP B 173 2.32 2.68 16.40
CA ASP B 173 2.39 1.23 16.46
C ASP B 173 1.01 0.63 16.26
N SER B 174 0.95 -0.45 15.48
CA SER B 174 -0.32 -1.07 15.12
C SER B 174 -0.96 -1.85 16.25
N LYS B 175 -0.24 -2.11 17.33
CA LYS B 175 -0.80 -2.80 18.48
C LYS B 175 -1.11 -1.89 19.65
N ASP B 176 -0.22 -0.94 20.00
CA ASP B 176 -0.47 -0.07 21.14
C ASP B 176 -0.57 1.42 20.81
N SER B 177 -0.46 1.81 19.55
CA SER B 177 -0.66 3.19 19.12
C SER B 177 0.40 4.15 19.64
N THR B 178 1.50 3.67 20.19
CA THR B 178 2.57 4.54 20.63
C THR B 178 3.52 4.87 19.47
N TYR B 179 4.40 5.83 19.73
CA TYR B 179 5.53 6.12 18.86
C TYR B 179 6.80 5.59 19.48
N SER B 180 7.81 5.38 18.64
CA SER B 180 9.18 5.19 19.07
C SER B 180 10.06 6.07 18.22
N MET B 181 11.24 6.40 18.72
CA MET B 181 12.17 7.16 17.92
C MET B 181 13.58 6.67 18.20
N SER B 182 14.43 6.74 17.19
CA SER B 182 15.85 6.46 17.34
C SER B 182 16.62 7.74 17.10
N SER B 183 17.66 7.94 17.90
CA SER B 183 18.59 9.05 17.73
C SER B 183 19.98 8.46 17.55
N THR B 184 20.65 8.85 16.47
CA THR B 184 21.98 8.34 16.16
C THR B 184 22.94 9.52 16.09
N LEU B 185 23.96 9.48 16.94
CA LEU B 185 25.05 10.44 16.93
C LEU B 185 26.24 9.79 16.25
N THR B 186 26.69 10.37 15.14
CA THR B 186 27.80 9.79 14.39
C THR B 186 29.04 10.66 14.51
N LEU B 187 30.12 10.07 15.01
CA LEU B 187 31.41 10.69 15.18
C LEU B 187 32.44 9.91 14.38
N THR B 188 33.64 10.46 14.29
CA THR B 188 34.77 9.64 13.88
C THR B 188 35.23 8.80 15.06
N LYS B 189 35.92 7.71 14.74
CA LYS B 189 36.52 6.89 15.80
C LYS B 189 37.41 7.74 16.69
N ASP B 190 38.24 8.59 16.08
CA ASP B 190 39.16 9.41 16.86
C ASP B 190 38.42 10.36 17.79
N GLU B 191 37.36 11.00 17.30
CA GLU B 191 36.56 11.87 18.14
C GLU B 191 35.90 11.08 19.26
N TYR B 192 35.36 9.91 18.94
CA TYR B 192 34.70 9.09 19.96
C TYR B 192 35.68 8.69 21.06
N GLU B 193 36.90 8.35 20.68
CA GLU B 193 37.86 7.86 21.67
C GLU B 193 38.46 8.98 22.51
N ARG B 194 38.13 10.24 22.23
CA ARG B 194 38.62 11.36 23.04
C ARG B 194 37.72 11.68 24.21
N HIS B 195 36.64 10.92 24.42
CA HIS B 195 35.69 11.21 25.48
C HIS B 195 35.26 9.91 26.14
N ASN B 196 34.76 10.02 27.36
CA ASN B 196 34.42 8.84 28.16
C ASN B 196 32.92 8.64 28.32
N SER B 197 32.20 9.68 28.73
CA SER B 197 30.79 9.56 29.09
C SER B 197 29.90 9.94 27.93
N TYR B 198 28.99 9.03 27.54
CA TYR B 198 28.04 9.28 26.46
C TYR B 198 26.63 9.13 27.02
N THR B 199 25.83 10.17 26.86
CA THR B 199 24.51 10.21 27.46
C THR B 199 23.47 10.63 26.43
N CYS B 200 22.40 9.85 26.33
CA CYS B 200 21.20 10.24 25.61
CA CYS B 200 21.23 10.32 25.61
C CYS B 200 20.20 10.79 26.61
N GLU B 201 19.73 12.02 26.41
CA GLU B 201 18.84 12.67 27.35
C GLU B 201 17.64 13.21 26.60
N ALA B 202 16.46 12.72 26.96
CA ALA B 202 15.24 13.12 26.26
C ALA B 202 14.30 13.85 27.21
N THR B 203 13.50 14.74 26.65
CA THR B 203 12.44 15.40 27.39
C THR B 203 11.14 15.20 26.64
N HIS B 204 10.12 14.76 27.37
CA HIS B 204 8.83 14.38 26.82
C HIS B 204 7.76 14.99 27.71
N LYS B 205 6.56 15.18 27.14
CA LYS B 205 5.49 15.87 27.86
C LYS B 205 5.19 15.21 29.21
N THR B 206 5.43 13.90 29.32
CA THR B 206 5.10 13.17 30.55
C THR B 206 5.91 13.61 31.76
N SER B 207 7.03 14.31 31.58
CA SER B 207 7.78 14.79 32.74
C SER B 207 8.70 15.93 32.31
N THR B 208 8.86 16.92 33.19
CA THR B 208 9.88 17.93 32.90
C THR B 208 11.28 17.41 33.12
N SER B 209 11.44 16.26 33.83
CA SER B 209 12.75 15.72 34.13
C SER B 209 13.28 14.89 32.97
N PRO B 210 14.60 14.86 32.81
CA PRO B 210 15.17 14.18 31.65
C PRO B 210 15.08 12.66 31.74
N ILE B 211 14.84 12.05 30.59
CA ILE B 211 14.85 10.61 30.40
C ILE B 211 16.24 10.23 29.93
N VAL B 212 16.96 9.46 30.72
CA VAL B 212 18.41 9.33 30.53
C VAL B 212 18.83 7.87 30.41
N LYS B 213 19.77 7.61 29.51
CA LYS B 213 20.57 6.41 29.53
C LYS B 213 21.99 6.79 29.16
N SER B 214 22.97 6.21 29.84
CA SER B 214 24.37 6.60 29.69
C SER B 214 25.25 5.37 29.69
N PHE B 215 26.44 5.52 29.14
CA PHE B 215 27.50 4.54 29.32
C PHE B 215 28.82 5.28 29.35
N ASN B 216 29.83 4.63 29.88
CA ASN B 216 31.20 5.12 29.88
C ASN B 216 32.02 4.23 28.96
N ARG B 217 32.72 4.87 28.01
CA ARG B 217 33.54 4.11 27.07
C ARG B 217 34.53 3.23 27.81
N ASN B 218 34.87 3.63 29.04
CA ASN B 218 35.88 2.96 29.84
C ASN B 218 35.49 1.52 30.17
N GLU B 219 34.21 1.28 30.44
CA GLU B 219 33.83 0.28 31.42
C GLU B 219 33.03 -0.88 30.83
N CYS B 220 32.95 -1.93 31.65
CA CYS B 220 32.13 -3.10 31.41
C CYS B 220 31.74 -3.66 32.76
N VAL C 2 -2.97 -15.81 -4.23
CA VAL C 2 -2.49 -14.81 -5.17
C VAL C 2 -1.15 -14.23 -4.72
N GLN C 3 -0.19 -14.19 -5.64
CA GLN C 3 1.10 -13.58 -5.38
C GLN C 3 1.51 -12.77 -6.60
N LEU C 4 1.99 -11.55 -6.37
CA LEU C 4 2.50 -10.69 -7.43
C LEU C 4 3.89 -10.24 -6.99
N GLN C 5 4.92 -10.83 -7.58
CA GLN C 5 6.29 -10.57 -7.16
C GLN C 5 6.88 -9.45 -8.00
N GLN C 6 7.26 -8.35 -7.32
CA GLN C 6 7.89 -7.21 -7.97
C GLN C 6 9.27 -6.97 -7.38
N PRO C 7 10.26 -6.63 -8.21
CA PRO C 7 11.58 -6.29 -7.66
C PRO C 7 11.47 -5.12 -6.69
N GLY C 8 12.35 -5.12 -5.69
CA GLY C 8 12.24 -4.13 -4.63
C GLY C 8 12.55 -2.71 -5.09
N ALA C 9 13.54 -2.55 -5.99
CA ALA C 9 14.06 -1.22 -6.29
C ALA C 9 14.57 -1.11 -7.73
N GLU C 10 14.48 0.09 -8.27
CA GLU C 10 15.19 0.46 -9.50
C GLU C 10 15.72 1.88 -9.34
N LEU C 11 17.02 2.05 -9.57
CA LEU C 11 17.66 3.35 -9.62
C LEU C 11 17.73 3.80 -11.08
N VAL C 12 17.21 4.99 -11.36
CA VAL C 12 17.04 5.46 -12.73
C VAL C 12 17.58 6.89 -12.84
N LYS C 13 18.36 7.14 -13.89
CA LYS C 13 18.88 8.48 -14.11
C LYS C 13 17.76 9.43 -14.51
N PRO C 14 17.89 10.71 -14.16
CA PRO C 14 16.89 11.70 -14.59
C PRO C 14 16.70 11.66 -16.10
N GLY C 15 15.44 11.60 -16.53
CA GLY C 15 15.15 11.60 -17.95
C GLY C 15 15.30 10.26 -18.63
N ALA C 16 15.75 9.22 -17.91
CA ALA C 16 15.94 7.90 -18.49
C ALA C 16 14.68 7.04 -18.39
N SER C 17 14.80 5.79 -18.81
CA SER C 17 13.70 4.84 -18.82
C SER C 17 14.03 3.65 -17.93
N VAL C 18 12.96 2.97 -17.49
CA VAL C 18 13.08 1.78 -16.65
C VAL C 18 11.97 0.81 -17.04
N LYS C 19 12.27 -0.48 -16.93
CA LYS C 19 11.27 -1.51 -17.18
C LYS C 19 11.05 -2.29 -15.90
N LEU C 20 9.81 -2.26 -15.40
CA LEU C 20 9.44 -2.92 -14.16
C LEU C 20 8.75 -4.25 -14.48
N SER C 21 8.91 -5.22 -13.59
CA SER C 21 8.32 -6.54 -13.80
C SER C 21 7.41 -6.92 -12.64
N CYS C 22 6.47 -7.82 -12.94
CA CYS C 22 5.44 -8.24 -11.98
C CYS C 22 5.11 -9.69 -12.34
N LYS C 23 5.61 -10.62 -11.54
CA LYS C 23 5.43 -12.04 -11.82
C LYS C 23 4.26 -12.57 -11.00
N ALA C 24 3.27 -13.14 -11.69
CA ALA C 24 2.01 -13.53 -11.07
C ALA C 24 1.96 -15.03 -10.82
N SER C 25 1.35 -15.42 -9.71
CA SER C 25 1.09 -16.81 -9.38
C SER C 25 -0.14 -16.89 -8.48
N GLY C 26 -0.69 -18.10 -8.36
CA GLY C 26 -1.84 -18.33 -7.49
C GLY C 26 -3.19 -18.03 -8.10
N TYR C 27 -3.24 -17.63 -9.36
CA TYR C 27 -4.50 -17.40 -10.07
C TYR C 27 -4.18 -17.46 -11.55
N THR C 28 -5.23 -17.52 -12.37
CA THR C 28 -5.04 -17.61 -13.82
C THR C 28 -4.61 -16.25 -14.36
N PHE C 29 -3.32 -16.14 -14.66
CA PHE C 29 -2.73 -14.87 -15.08
C PHE C 29 -3.44 -14.33 -16.32
N THR C 30 -3.71 -15.18 -17.31
CA THR C 30 -4.17 -14.70 -18.60
C THR C 30 -5.60 -14.18 -18.58
N SER C 31 -6.41 -14.54 -17.57
CA SER C 31 -7.81 -14.20 -17.53
C SER C 31 -8.14 -13.06 -16.57
N SER C 32 -7.14 -12.33 -16.08
CA SER C 32 -7.37 -11.16 -15.25
C SER C 32 -6.58 -9.99 -15.82
N TRP C 33 -7.24 -8.85 -15.96
CA TRP C 33 -6.52 -7.62 -16.28
C TRP C 33 -5.51 -7.33 -15.18
N MET C 34 -4.32 -6.88 -15.58
CA MET C 34 -3.29 -6.44 -14.65
C MET C 34 -3.23 -4.93 -14.66
N HIS C 35 -3.40 -4.32 -13.50
CA HIS C 35 -3.39 -2.88 -13.35
C HIS C 35 -2.07 -2.40 -12.77
N TRP C 36 -1.72 -1.17 -13.07
CA TRP C 36 -0.54 -0.54 -12.47
C TRP C 36 -0.93 0.81 -11.87
N VAL C 37 -0.36 1.10 -10.70
CA VAL C 37 -0.69 2.27 -9.90
C VAL C 37 0.60 2.89 -9.37
N LYS C 38 0.65 4.22 -9.39
CA LYS C 38 1.81 4.99 -8.91
C LYS C 38 1.51 5.64 -7.57
N GLN C 39 2.49 5.64 -6.67
CA GLN C 39 2.36 6.36 -5.39
C GLN C 39 3.68 7.04 -5.03
N ARG C 40 3.71 8.37 -5.12
CA ARG C 40 4.86 9.10 -4.63
C ARG C 40 4.91 9.07 -3.10
N PRO C 41 6.11 9.16 -2.52
CA PRO C 41 6.24 9.07 -1.06
C PRO C 41 5.38 10.12 -0.37
N GLY C 42 4.60 9.68 0.61
CA GLY C 42 3.75 10.59 1.34
C GLY C 42 2.56 11.12 0.58
N GLN C 43 2.26 10.59 -0.60
CA GLN C 43 1.19 11.11 -1.45
C GLN C 43 0.18 10.00 -1.75
N GLY C 44 -0.79 10.34 -2.60
CA GLY C 44 -1.90 9.45 -2.89
C GLY C 44 -1.63 8.54 -4.07
N LEU C 45 -2.70 8.01 -4.65
CA LEU C 45 -2.62 6.94 -5.63
C LEU C 45 -3.07 7.44 -7.00
N GLU C 46 -2.37 7.01 -8.04
CA GLU C 46 -2.68 7.40 -9.41
C GLU C 46 -2.73 6.15 -10.27
N TRP C 47 -3.86 5.91 -10.94
CA TRP C 47 -4.03 4.73 -11.78
C TRP C 47 -3.38 4.97 -13.13
N ILE C 48 -2.42 4.11 -13.49
CA ILE C 48 -1.67 4.28 -14.73
C ILE C 48 -2.40 3.66 -15.91
N GLY C 49 -2.88 2.44 -15.75
CA GLY C 49 -3.48 1.72 -16.86
C GLY C 49 -3.54 0.23 -16.54
N MET C 50 -3.99 -0.53 -17.54
CA MET C 50 -4.15 -1.96 -17.35
C MET C 50 -3.94 -2.66 -18.69
N ILE C 51 -3.60 -3.95 -18.60
CA ILE C 51 -3.37 -4.78 -19.77
C ILE C 51 -4.04 -6.13 -19.53
N HIS C 52 -4.59 -6.71 -20.60
CA HIS C 52 -5.21 -8.01 -20.49
C HIS C 52 -4.21 -9.04 -21.00
N PRO C 53 -3.68 -9.92 -20.15
CA PRO C 53 -2.55 -10.76 -20.59
C PRO C 53 -2.91 -11.72 -21.72
N ASN C 54 -4.16 -12.15 -21.83
CA ASN C 54 -4.49 -13.12 -22.87
C ASN C 54 -4.50 -12.49 -24.25
N SER C 55 -4.98 -11.25 -24.36
CA SER C 55 -5.14 -10.57 -25.64
C SER C 55 -4.11 -9.49 -25.90
N GLY C 56 -3.46 -8.98 -24.87
CA GLY C 56 -2.58 -7.84 -25.03
C GLY C 56 -3.27 -6.50 -25.09
N SER C 57 -4.60 -6.46 -25.00
CA SER C 57 -5.31 -5.19 -25.02
C SER C 57 -4.89 -4.32 -23.85
N THR C 58 -4.81 -3.01 -24.08
CA THR C 58 -4.41 -2.08 -23.04
C THR C 58 -5.42 -0.94 -22.92
N ASN C 59 -5.52 -0.40 -21.71
CA ASN C 59 -6.28 0.81 -21.45
C ASN C 59 -5.42 1.69 -20.57
N TYR C 60 -5.05 2.87 -21.06
CA TYR C 60 -4.15 3.76 -20.36
C TYR C 60 -4.87 5.02 -19.88
N ASN C 61 -4.52 5.44 -18.68
CA ASN C 61 -4.73 6.83 -18.29
C ASN C 61 -3.97 7.71 -19.29
N GLU C 62 -4.68 8.66 -19.90
CA GLU C 62 -4.03 9.49 -20.92
C GLU C 62 -2.80 10.19 -20.39
N LYS C 63 -2.76 10.50 -19.09
CA LYS C 63 -1.57 11.13 -18.53
C LYS C 63 -0.33 10.27 -18.73
N PHE C 64 -0.51 8.95 -18.85
CA PHE C 64 0.61 8.02 -18.94
C PHE C 64 0.77 7.37 -20.31
N LYS C 65 -0.04 7.76 -21.30
CA LYS C 65 -0.06 6.97 -22.54
C LYS C 65 1.22 7.14 -23.35
N ASN C 66 1.93 8.25 -23.21
CA ASN C 66 3.23 8.37 -23.85
C ASN C 66 4.35 7.81 -22.99
N LYS C 67 4.34 8.05 -21.69
CA LYS C 67 5.49 7.70 -20.89
C LYS C 67 5.46 6.25 -20.37
N ALA C 68 4.32 5.57 -20.41
CA ALA C 68 4.22 4.18 -19.97
C ALA C 68 3.85 3.27 -21.13
N THR C 69 4.43 2.08 -21.14
CA THR C 69 4.05 1.02 -22.07
C THR C 69 3.91 -0.28 -21.29
N LEU C 70 2.73 -0.91 -21.39
CA LEU C 70 2.46 -2.16 -20.71
C LEU C 70 2.63 -3.31 -21.69
N THR C 71 3.31 -4.37 -21.25
CA THR C 71 3.41 -5.60 -22.01
C THR C 71 3.28 -6.78 -21.05
N VAL C 72 3.18 -7.98 -21.62
CA VAL C 72 3.10 -9.20 -20.83
C VAL C 72 3.89 -10.29 -21.54
N ASP C 73 4.33 -11.26 -20.75
CA ASP C 73 4.86 -12.51 -21.28
C ASP C 73 4.06 -13.65 -20.64
N LYS C 74 3.12 -14.20 -21.41
CA LYS C 74 2.25 -15.26 -20.86
C LYS C 74 3.06 -16.48 -20.46
N SER C 75 4.11 -16.81 -21.21
CA SER C 75 4.85 -18.05 -20.93
C SER C 75 5.52 -18.01 -19.57
N SER C 76 5.75 -16.82 -19.02
CA SER C 76 6.37 -16.67 -17.70
C SER C 76 5.44 -16.02 -16.69
N SER C 77 4.16 -15.84 -17.03
CA SER C 77 3.20 -15.14 -16.16
C SER C 77 3.75 -13.82 -15.63
N THR C 78 4.40 -13.05 -16.48
CA THR C 78 5.02 -11.79 -16.05
C THR C 78 4.42 -10.63 -16.82
N ALA C 79 4.00 -9.60 -16.09
CA ALA C 79 3.59 -8.34 -16.67
C ALA C 79 4.73 -7.33 -16.52
N TYR C 80 4.86 -6.46 -17.51
CA TYR C 80 5.93 -5.46 -17.52
C TYR C 80 5.35 -4.08 -17.75
N MET C 81 6.01 -3.08 -17.15
CA MET C 81 5.69 -1.69 -17.41
C MET C 81 6.98 -0.94 -17.67
N GLN C 82 7.11 -0.37 -18.86
CA GLN C 82 8.22 0.51 -19.16
C GLN C 82 7.78 1.95 -18.94
N LEU C 83 8.58 2.71 -18.21
CA LEU C 83 8.33 4.12 -17.95
C LEU C 83 9.48 4.92 -18.52
N SER C 84 9.18 6.00 -19.23
CA SER C 84 10.21 6.78 -19.91
C SER C 84 10.21 8.24 -19.45
N SER C 85 11.32 8.93 -19.71
CA SER C 85 11.52 10.33 -19.34
C SER C 85 11.20 10.61 -17.87
N LEU C 86 11.80 9.84 -16.96
CA LEU C 86 11.41 9.96 -15.56
C LEU C 86 11.80 11.33 -15.01
N THR C 87 10.85 11.98 -14.36
CA THR C 87 11.09 13.23 -13.64
C THR C 87 11.37 12.93 -12.17
N SER C 88 11.78 13.97 -11.43
CA SER C 88 11.95 13.81 -9.99
C SER C 88 10.65 13.43 -9.31
N GLU C 89 9.51 13.79 -9.90
CA GLU C 89 8.21 13.40 -9.36
C GLU C 89 7.82 11.98 -9.73
N ASP C 90 8.64 11.27 -10.51
CA ASP C 90 8.43 9.85 -10.77
C ASP C 90 9.19 8.95 -9.81
N SER C 91 9.96 9.51 -8.87
CA SER C 91 10.43 8.73 -7.75
C SER C 91 9.21 8.33 -6.93
N ALA C 92 8.90 7.04 -6.90
CA ALA C 92 7.62 6.59 -6.36
C ALA C 92 7.64 5.08 -6.29
N VAL C 93 6.66 4.53 -5.59
CA VAL C 93 6.41 3.10 -5.60
C VAL C 93 5.39 2.82 -6.71
N TYR C 94 5.68 1.82 -7.54
CA TYR C 94 4.78 1.40 -8.61
C TYR C 94 4.27 0.00 -8.29
N TYR C 95 2.94 -0.11 -8.12
CA TYR C 95 2.30 -1.37 -7.80
C TYR C 95 1.71 -1.99 -9.06
N CYS C 96 1.81 -3.31 -9.16
CA CYS C 96 0.92 -4.05 -10.03
C CYS C 96 -0.18 -4.63 -9.16
N ALA C 97 -1.37 -4.79 -9.74
CA ALA C 97 -2.52 -5.16 -8.94
C ALA C 97 -3.49 -5.97 -9.78
N ARG C 98 -3.94 -7.08 -9.23
CA ARG C 98 -5.04 -7.86 -9.80
C ARG C 98 -6.31 -7.31 -9.17
N TYR C 99 -6.96 -6.39 -9.86
CA TYR C 99 -8.26 -5.88 -9.40
C TYR C 99 -9.29 -6.99 -9.50
N TYR C 100 -10.03 -7.22 -8.42
CA TYR C 100 -11.03 -8.29 -8.45
C TYR C 100 -12.23 -7.87 -7.60
N TYR C 101 -13.30 -7.44 -8.27
CA TYR C 101 -14.50 -6.94 -7.61
C TYR C 101 -15.63 -7.95 -7.73
N ASP C 102 -15.41 -9.15 -7.17
CA ASP C 102 -16.42 -10.20 -7.17
C ASP C 102 -16.14 -11.12 -5.99
N TYR C 103 -17.14 -11.95 -5.68
CA TYR C 103 -17.11 -12.73 -4.44
C TYR C 103 -16.15 -13.91 -4.49
N ASP C 104 -15.81 -14.40 -5.68
CA ASP C 104 -15.16 -15.70 -5.82
C ASP C 104 -13.66 -15.60 -6.06
N GLY C 105 -13.05 -14.47 -5.77
CA GLY C 105 -11.61 -14.31 -5.94
C GLY C 105 -11.13 -13.17 -5.08
N MET C 106 -9.81 -13.13 -4.87
CA MET C 106 -9.20 -12.11 -4.03
C MET C 106 -8.57 -11.01 -4.88
N ASP C 107 -8.91 -9.77 -4.56
CA ASP C 107 -8.15 -8.63 -5.04
C ASP C 107 -6.76 -8.66 -4.40
N TYR C 108 -5.73 -8.29 -5.16
CA TYR C 108 -4.38 -8.38 -4.62
C TYR C 108 -3.46 -7.38 -5.29
N TRP C 109 -2.73 -6.62 -4.46
CA TRP C 109 -1.72 -5.69 -4.93
C TRP C 109 -0.34 -6.20 -4.52
N GLY C 110 0.60 -6.13 -5.46
CA GLY C 110 1.98 -6.48 -5.16
C GLY C 110 2.62 -5.49 -4.20
N GLN C 111 3.84 -5.83 -3.78
CA GLN C 111 4.54 -5.01 -2.79
C GLN C 111 5.08 -3.72 -3.39
N GLY C 112 5.16 -3.63 -4.71
CA GLY C 112 5.63 -2.42 -5.36
C GLY C 112 7.14 -2.41 -5.56
N THR C 113 7.55 -1.78 -6.65
CA THR C 113 8.95 -1.46 -6.88
C THR C 113 9.17 0.00 -6.54
N SER C 114 10.15 0.27 -5.68
CA SER C 114 10.55 1.64 -5.34
C SER C 114 11.51 2.14 -6.40
N VAL C 115 11.05 3.10 -7.21
CA VAL C 115 11.87 3.71 -8.25
C VAL C 115 12.41 5.01 -7.68
N THR C 116 13.74 5.16 -7.70
CA THR C 116 14.41 6.40 -7.30
C THR C 116 15.05 7.01 -8.55
N VAL C 117 14.69 8.26 -8.84
CA VAL C 117 15.24 9.00 -9.98
C VAL C 117 16.38 9.86 -9.43
N SER C 118 17.60 9.51 -9.79
CA SER C 118 18.76 10.20 -9.24
C SER C 118 19.97 9.92 -10.12
N SER C 119 20.91 10.88 -10.13
CA SER C 119 22.18 10.70 -10.82
C SER C 119 23.22 10.00 -9.98
N ALA C 120 22.93 9.75 -8.70
CA ALA C 120 23.90 9.16 -7.80
C ALA C 120 24.02 7.66 -8.06
N LYS C 121 25.12 7.09 -7.59
CA LYS C 121 25.38 5.67 -7.80
C LYS C 121 24.80 4.84 -6.64
N THR C 122 24.63 3.55 -6.91
CA THR C 122 24.23 2.62 -5.88
C THR C 122 25.34 2.42 -4.86
N THR C 123 24.98 2.44 -3.58
CA THR C 123 25.91 2.16 -2.49
C THR C 123 25.26 1.16 -1.54
N ALA C 124 25.93 0.01 -1.34
CA ALA C 124 25.43 -0.99 -0.40
C ALA C 124 25.66 -0.54 1.04
N PRO C 125 24.77 -0.94 1.96
CA PRO C 125 24.92 -0.53 3.36
C PRO C 125 26.00 -1.31 4.09
N SER C 126 26.48 -0.68 5.16
CA SER C 126 27.15 -1.40 6.23
C SER C 126 26.11 -1.74 7.28
N VAL C 127 26.20 -2.94 7.85
CA VAL C 127 25.23 -3.42 8.83
C VAL C 127 25.95 -3.72 10.12
N TYR C 128 25.61 -2.99 11.18
CA TYR C 128 26.31 -3.12 12.44
C TYR C 128 25.40 -3.68 13.52
N PRO C 129 25.83 -4.69 14.26
CA PRO C 129 25.03 -5.19 15.38
C PRO C 129 25.12 -4.25 16.57
N LEU C 130 23.99 -4.04 17.24
CA LEU C 130 23.92 -3.20 18.42
C LEU C 130 23.61 -4.09 19.63
N ALA C 131 24.66 -4.57 20.29
CA ALA C 131 24.48 -5.34 21.51
C ALA C 131 24.42 -4.41 22.72
N PRO C 132 23.83 -4.88 23.82
CA PRO C 132 23.66 -4.00 24.98
C PRO C 132 25.00 -3.56 25.56
N VAL C 133 24.94 -2.45 26.30
CA VAL C 133 26.14 -1.91 26.95
C VAL C 133 26.87 -3.02 27.68
N CYS C 134 28.19 -2.97 27.63
CA CYS C 134 29.02 -4.02 28.20
C CYS C 134 28.68 -4.23 29.67
N GLY C 135 28.34 -5.46 30.03
CA GLY C 135 27.95 -5.79 31.38
C GLY C 135 26.81 -6.79 31.43
N GLY C 136 25.79 -6.50 32.24
CA GLY C 136 24.60 -7.31 32.31
C GLY C 136 23.36 -6.47 32.56
N THR C 137 22.26 -7.08 32.98
CA THR C 137 21.05 -6.33 33.28
C THR C 137 20.26 -7.02 34.37
N THR C 138 19.59 -6.20 35.19
CA THR C 138 18.67 -6.69 36.21
C THR C 138 17.28 -7.00 35.69
N GLY C 139 17.02 -6.75 34.40
CA GLY C 139 15.70 -6.99 33.85
C GLY C 139 15.49 -8.43 33.42
N SER C 140 14.26 -8.73 33.02
CA SER C 140 13.92 -9.99 32.41
C SER C 140 13.89 -9.91 30.88
N SER C 141 13.97 -8.71 30.33
CA SER C 141 14.00 -8.50 28.89
C SER C 141 15.28 -7.75 28.53
N VAL C 142 15.67 -7.87 27.27
CA VAL C 142 16.84 -7.18 26.74
C VAL C 142 16.44 -6.56 25.41
N THR C 143 16.97 -5.38 25.14
CA THR C 143 16.75 -4.71 23.86
C THR C 143 18.04 -4.75 23.05
N LEU C 144 17.91 -5.21 21.81
CA LEU C 144 19.02 -5.32 20.88
C LEU C 144 18.71 -4.40 19.70
N GLY C 145 19.74 -4.07 18.94
CA GLY C 145 19.57 -3.15 17.83
C GLY C 145 20.38 -3.59 16.62
N CYS C 146 20.08 -2.93 15.51
CA CYS C 146 20.79 -3.13 14.26
C CYS C 146 20.84 -1.80 13.56
N LEU C 147 22.02 -1.41 13.07
CA LEU C 147 22.25 -0.12 12.43
C LEU C 147 22.64 -0.39 10.98
N VAL C 148 21.89 0.21 10.07
CA VAL C 148 22.08 0.01 8.63
C VAL C 148 22.50 1.37 8.07
N LYS C 149 23.79 1.52 7.76
CA LYS C 149 24.37 2.83 7.51
C LYS C 149 24.91 2.95 6.10
N GLY C 150 24.66 4.11 5.48
CA GLY C 150 25.37 4.50 4.29
C GLY C 150 24.98 3.83 2.99
N TYR C 151 23.69 3.75 2.69
CA TYR C 151 23.24 3.10 1.48
C TYR C 151 22.45 4.05 0.59
N PHE C 152 22.36 3.68 -0.68
CA PHE C 152 21.55 4.41 -1.64
C PHE C 152 21.30 3.52 -2.85
N PRO C 153 20.08 3.55 -3.40
CA PRO C 153 18.88 4.26 -2.94
C PRO C 153 18.11 3.43 -1.92
N GLU C 154 16.98 3.94 -1.46
CA GLU C 154 16.05 3.11 -0.70
C GLU C 154 15.48 2.03 -1.62
N PRO C 155 14.88 0.99 -1.03
CA PRO C 155 14.76 0.73 0.40
C PRO C 155 15.75 -0.35 0.86
N VAL C 156 15.73 -0.64 2.15
CA VAL C 156 16.24 -1.90 2.67
C VAL C 156 15.07 -2.64 3.30
N THR C 157 15.18 -3.97 3.32
CA THR C 157 14.27 -4.81 4.06
C THR C 157 15.03 -5.35 5.26
N LEU C 158 14.53 -5.09 6.45
CA LEU C 158 15.14 -5.54 7.70
C LEU C 158 14.16 -6.42 8.44
N THR C 159 14.60 -7.61 8.81
CA THR C 159 13.82 -8.50 9.63
C THR C 159 14.70 -9.01 10.76
N TRP C 160 14.07 -9.58 11.78
CA TRP C 160 14.78 -10.19 12.88
C TRP C 160 14.51 -11.69 12.85
N ASN C 161 15.57 -12.49 12.78
CA ASN C 161 15.45 -13.93 12.64
C ASN C 161 14.58 -14.26 11.43
N SER C 162 14.82 -13.56 10.32
CA SER C 162 14.19 -13.81 9.04
C SER C 162 12.67 -13.61 9.07
N GLY C 163 12.18 -12.80 10.00
CA GLY C 163 10.76 -12.56 10.14
C GLY C 163 10.09 -13.36 11.23
N SER C 164 10.75 -14.40 11.75
CA SER C 164 10.16 -15.18 12.82
C SER C 164 10.10 -14.39 14.13
N LEU C 165 10.90 -13.35 14.27
CA LEU C 165 10.85 -12.46 15.42
C LEU C 165 10.21 -11.16 14.95
N SER C 166 8.96 -10.95 15.33
CA SER C 166 8.21 -9.79 14.83
C SER C 166 7.61 -8.97 15.96
N SER C 167 7.26 -9.62 17.07
CA SER C 167 6.77 -8.89 18.23
C SER C 167 7.91 -8.11 18.87
N GLY C 168 7.59 -6.93 19.40
CA GLY C 168 8.58 -6.11 20.07
C GLY C 168 9.63 -5.50 19.17
N VAL C 169 9.35 -5.38 17.88
CA VAL C 169 10.27 -4.78 16.91
C VAL C 169 9.83 -3.36 16.60
N HIS C 170 10.79 -2.45 16.48
CA HIS C 170 10.56 -1.11 15.96
C HIS C 170 11.63 -0.83 14.93
N THR C 171 11.22 -0.61 13.70
CA THR C 171 12.15 -0.29 12.63
C THR C 171 11.90 1.14 12.19
N PHE C 172 12.93 1.94 12.26
CA PHE C 172 12.79 3.39 12.15
C PHE C 172 13.03 3.83 10.72
N PRO C 173 12.19 4.70 10.19
CA PRO C 173 12.32 5.11 8.78
C PRO C 173 13.71 5.66 8.50
N ALA C 174 14.21 5.34 7.31
CA ALA C 174 15.54 5.77 6.89
C ALA C 174 15.57 7.28 6.74
N LEU C 175 16.74 7.86 7.00
CA LEU C 175 16.96 9.29 6.88
C LEU C 175 18.14 9.53 5.96
N LEU C 176 17.97 10.48 5.05
CA LEU C 176 19.00 10.83 4.08
C LEU C 176 19.91 11.89 4.68
N GLN C 177 21.22 11.62 4.64
CA GLN C 177 22.21 12.56 5.15
C GLN C 177 23.45 12.49 4.26
N SER C 178 23.79 13.60 3.62
CA SER C 178 24.97 13.66 2.75
C SER C 178 24.89 12.61 1.64
N GLY C 179 23.69 12.41 1.09
CA GLY C 179 23.50 11.56 -0.05
C GLY C 179 23.32 10.09 0.26
N LEU C 180 23.48 9.66 1.51
CA LEU C 180 23.32 8.27 1.88
C LEU C 180 22.27 8.12 2.97
N TYR C 181 21.59 6.98 2.95
CA TYR C 181 20.54 6.69 3.93
C TYR C 181 21.10 5.91 5.10
N THR C 182 20.50 6.13 6.27
CA THR C 182 20.75 5.32 7.45
C THR C 182 19.42 4.93 8.08
N LEU C 183 19.35 3.68 8.54
CA LEU C 183 18.16 3.14 9.16
C LEU C 183 18.61 2.33 10.38
N SER C 184 17.72 2.21 11.36
CA SER C 184 18.01 1.40 12.54
C SER C 184 16.75 0.63 12.92
N SER C 185 16.95 -0.40 13.73
CA SER C 185 15.83 -1.18 14.22
C SER C 185 16.17 -1.71 15.61
N SER C 186 15.18 -1.76 16.47
CA SER C 186 15.34 -2.31 17.81
C SER C 186 14.39 -3.50 17.97
N VAL C 187 14.83 -4.46 18.79
CA VAL C 187 14.02 -5.61 19.12
C VAL C 187 14.19 -5.89 20.61
N THR C 188 13.09 -6.21 21.28
CA THR C 188 13.11 -6.55 22.68
C THR C 188 12.64 -7.99 22.83
N VAL C 189 13.43 -8.79 23.54
CA VAL C 189 13.14 -10.20 23.76
C VAL C 189 13.35 -10.50 25.25
N THR C 190 12.86 -11.66 25.67
CA THR C 190 13.06 -12.06 27.06
C THR C 190 14.53 -12.38 27.30
N SER C 191 15.03 -11.97 28.47
CA SER C 191 16.46 -12.00 28.75
C SER C 191 17.05 -13.42 28.66
N ASN C 192 16.22 -14.45 28.82
CA ASN C 192 16.70 -15.83 28.72
C ASN C 192 16.60 -16.40 27.31
N THR C 193 16.13 -15.60 26.34
CA THR C 193 16.17 -16.02 24.95
C THR C 193 17.58 -15.88 24.38
N TRP C 194 18.22 -14.75 24.66
CA TRP C 194 19.51 -14.38 24.07
C TRP C 194 20.54 -14.24 25.19
N PRO C 195 21.78 -14.69 24.95
CA PRO C 195 22.37 -15.23 23.71
C PRO C 195 22.32 -16.75 23.54
N SER C 196 21.66 -17.48 24.44
CA SER C 196 21.56 -18.94 24.27
C SER C 196 20.85 -19.30 22.97
N GLN C 197 19.99 -18.42 22.48
CA GLN C 197 19.41 -18.51 21.15
C GLN C 197 19.94 -17.37 20.32
N THR C 198 20.22 -17.64 19.05
CA THR C 198 20.78 -16.63 18.16
C THR C 198 19.72 -15.61 17.78
N ILE C 199 20.10 -14.33 17.81
CA ILE C 199 19.27 -13.26 17.27
C ILE C 199 20.06 -12.57 16.16
N THR C 200 19.48 -12.55 14.98
CA THR C 200 20.15 -12.08 13.79
C THR C 200 19.30 -11.01 13.14
N CYS C 201 19.92 -9.91 12.76
CA CYS C 201 19.30 -8.89 11.92
CA CYS C 201 19.24 -8.94 11.92
C CYS C 201 19.58 -9.23 10.47
N ASN C 202 18.52 -9.39 9.67
CA ASN C 202 18.63 -9.76 8.26
C ASN C 202 18.33 -8.51 7.44
N VAL C 203 19.29 -8.09 6.63
CA VAL C 203 19.16 -6.84 5.89
C VAL C 203 19.39 -7.15 4.41
N ALA C 204 18.41 -6.81 3.59
CA ALA C 204 18.53 -6.90 2.15
C ALA C 204 18.47 -5.50 1.57
N HIS C 205 19.33 -5.23 0.59
CA HIS C 205 19.32 -3.96 -0.12
C HIS C 205 19.14 -4.28 -1.60
N PRO C 206 17.90 -4.25 -2.11
CA PRO C 206 17.65 -4.80 -3.46
C PRO C 206 18.44 -4.11 -4.55
N ALA C 207 18.65 -2.79 -4.44
CA ALA C 207 19.31 -2.06 -5.51
C ALA C 207 20.75 -2.52 -5.72
N SER C 208 21.41 -2.98 -4.66
CA SER C 208 22.76 -3.52 -4.79
C SER C 208 22.80 -5.04 -4.79
N SER C 209 21.64 -5.70 -4.76
CA SER C 209 21.58 -7.17 -4.75
C SER C 209 22.40 -7.74 -3.59
N THR C 210 22.38 -7.06 -2.45
CA THR C 210 23.12 -7.50 -1.29
C THR C 210 22.19 -7.95 -0.17
N LYS C 211 22.67 -8.92 0.60
CA LYS C 211 21.90 -9.51 1.69
C LYS C 211 22.89 -9.86 2.79
N VAL C 212 22.65 -9.38 4.00
CA VAL C 212 23.53 -9.58 5.15
C VAL C 212 22.71 -10.13 6.30
N ASP C 213 23.21 -11.17 6.95
CA ASP C 213 22.65 -11.68 8.20
C ASP C 213 23.68 -11.40 9.29
N LYS C 214 23.34 -10.50 10.21
CA LYS C 214 24.25 -10.06 11.25
CA LYS C 214 24.25 -10.04 11.26
C LYS C 214 23.76 -10.56 12.61
N LYS C 215 24.50 -11.50 13.20
CA LYS C 215 24.18 -11.96 14.54
C LYS C 215 24.54 -10.89 15.55
N ILE C 216 23.74 -10.78 16.60
CA ILE C 216 24.02 -9.86 17.70
C ILE C 216 24.76 -10.65 18.78
N GLU C 217 25.97 -10.22 19.13
CA GLU C 217 26.76 -10.95 20.11
C GLU C 217 27.04 -10.07 21.32
N PRO C 218 27.09 -10.65 22.52
CA PRO C 218 27.38 -9.85 23.72
C PRO C 218 28.74 -9.17 23.63
N ARG C 219 28.82 -7.97 24.23
CA ARG C 219 30.07 -7.24 24.27
C ARG C 219 30.98 -7.79 25.36
N VAL C 220 32.28 -7.53 25.19
CA VAL C 220 33.29 -7.97 26.15
C VAL C 220 34.17 -6.78 26.50
N PRO C 221 34.83 -6.82 27.67
CA PRO C 221 35.71 -5.73 28.11
C PRO C 221 36.68 -5.23 27.04
#